data_8T65
#
_entry.id   8T65
#
_cell.length_a   46.987
_cell.length_b   64.861
_cell.length_c   50.129
_cell.angle_alpha   90.00
_cell.angle_beta   113.28
_cell.angle_gamma   90.00
#
_symmetry.space_group_name_H-M   'P 1 21 1'
#
loop_
_entity.id
_entity.type
_entity.pdbx_description
1 polymer Cam1
2 polymer "RNA (5'-R(P*AP*AP*AP*A)-3')"
3 water water
#
loop_
_entity_poly.entity_id
_entity_poly.type
_entity_poly.pdbx_seq_one_letter_code
_entity_poly.pdbx_strand_id
1 'polypeptide(L)'
;SREDLRAWLTRNRFPRVGGVSESTVQWEGVVFTVSNESVPRWVMAQIQPAYMGLVATQASLAAAEAVAAVARRRGIEVHG
PLQVADPNDPAASRSQVALLLSELRRAGCREIAVDLTGGKLPMSLGAFMAAEEAGVASLYVATDFDKHLKVPDMRTATLR
QISQPE
;
A,B
2 'polyribonucleotide' AAAA C
#
loop_
_chem_comp.id
_chem_comp.type
_chem_comp.name
_chem_comp.formula
A RNA linking ADENOSINE-5'-MONOPHOSPHATE 'C10 H14 N5 O7 P'
#
# COMPACT_ATOMS: atom_id res chain seq x y z
N ASN A 12 21.80 14.35 -4.27
CA ASN A 12 20.40 14.73 -4.33
C ASN A 12 19.89 15.19 -2.95
N ARG A 13 18.57 15.37 -2.81
CA ARG A 13 18.03 15.78 -1.52
C ARG A 13 17.59 14.61 -0.64
N PHE A 14 17.65 13.38 -1.15
CA PHE A 14 17.58 12.23 -0.27
C PHE A 14 18.79 12.23 0.65
N PRO A 15 18.68 11.70 1.87
CA PRO A 15 19.89 11.52 2.69
C PRO A 15 20.86 10.57 1.99
N ARG A 16 22.15 10.75 2.30
CA ARG A 16 23.15 9.80 1.81
C ARG A 16 23.01 8.45 2.51
N VAL A 17 22.45 8.40 3.72
CA VAL A 17 22.31 7.15 4.46
C VAL A 17 20.85 6.95 4.82
N GLY A 18 20.31 5.77 4.50
CA GLY A 18 18.88 5.54 4.68
C GLY A 18 18.42 4.30 5.44
N GLY A 19 19.26 3.27 5.58
CA GLY A 19 18.78 2.03 6.19
C GLY A 19 18.66 2.16 7.70
N VAL A 20 17.54 1.64 8.24
CA VAL A 20 17.36 1.69 9.69
C VAL A 20 18.37 0.79 10.39
N SER A 21 18.84 -0.26 9.71
CA SER A 21 19.76 -1.20 10.35
C SER A 21 20.60 -1.85 9.26
N GLU A 22 21.67 -2.53 9.69
CA GLU A 22 22.57 -3.11 8.71
C GLU A 22 21.88 -4.21 7.91
N SER A 23 20.99 -4.99 8.54
CA SER A 23 20.31 -6.01 7.74
C SER A 23 19.41 -5.38 6.68
N THR A 24 18.86 -4.20 6.94
CA THR A 24 17.96 -3.56 5.99
C THR A 24 18.61 -3.30 4.64
N VAL A 25 19.92 -3.07 4.59
CA VAL A 25 20.58 -2.70 3.33
C VAL A 25 21.40 -3.85 2.75
N GLN A 26 21.27 -5.07 3.29
CA GLN A 26 22.04 -6.21 2.80
C GLN A 26 21.11 -7.08 1.93
N TRP A 27 21.18 -6.88 0.62
CA TRP A 27 20.38 -7.69 -0.30
C TRP A 27 21.16 -7.85 -1.59
N GLU A 28 21.19 -9.08 -2.11
CA GLU A 28 21.80 -9.32 -3.40
C GLU A 28 20.89 -8.92 -4.56
N GLY A 29 19.58 -8.92 -4.35
CA GLY A 29 18.65 -8.47 -5.38
C GLY A 29 17.49 -7.72 -4.78
N VAL A 30 16.89 -6.84 -5.58
CA VAL A 30 15.72 -6.08 -5.18
C VAL A 30 14.76 -5.99 -6.36
N VAL A 31 13.48 -6.22 -6.09
CA VAL A 31 12.40 -6.08 -7.05
C VAL A 31 11.54 -4.87 -6.66
N PHE A 32 11.28 -3.98 -7.62
CA PHE A 32 10.47 -2.78 -7.37
C PHE A 32 9.13 -2.83 -8.11
N THR A 33 8.08 -2.34 -7.46
CA THR A 33 6.92 -1.82 -8.17
C THR A 33 7.19 -0.34 -8.45
N VAL A 34 6.96 0.11 -9.67
CA VAL A 34 7.50 1.39 -10.14
C VAL A 34 6.38 2.37 -10.44
N SER A 35 6.44 3.54 -9.81
CA SER A 35 5.65 4.69 -10.24
C SER A 35 6.54 5.83 -10.70
N ASN A 36 7.53 6.21 -9.90
CA ASN A 36 8.50 7.24 -10.24
C ASN A 36 9.89 6.62 -10.29
N GLU A 37 10.83 7.34 -10.91
CA GLU A 37 12.20 6.84 -11.01
C GLU A 37 13.07 7.23 -9.81
N SER A 38 12.68 8.26 -9.06
CA SER A 38 13.54 8.83 -8.02
C SER A 38 13.74 7.88 -6.85
N VAL A 39 12.65 7.36 -6.31
CA VAL A 39 12.72 6.54 -5.10
C VAL A 39 13.45 5.22 -5.38
N PRO A 40 13.14 4.48 -6.46
CA PRO A 40 13.94 3.26 -6.73
C PRO A 40 15.42 3.52 -6.96
N ARG A 41 15.76 4.63 -7.63
CA ARG A 41 17.15 4.99 -7.79
C ARG A 41 17.83 5.21 -6.45
N TRP A 42 17.15 5.87 -5.52
CA TRP A 42 17.74 6.05 -4.20
C TRP A 42 17.90 4.71 -3.47
N VAL A 43 16.88 3.85 -3.53
CA VAL A 43 16.97 2.56 -2.83
C VAL A 43 18.09 1.71 -3.43
N MET A 44 18.24 1.76 -4.76
CA MET A 44 19.36 1.12 -5.43
C MET A 44 20.70 1.56 -4.84
N ALA A 45 20.85 2.85 -4.59
CA ALA A 45 22.11 3.35 -4.06
C ALA A 45 22.30 2.96 -2.60
N GLN A 46 21.19 2.79 -1.86
CA GLN A 46 21.30 2.39 -0.47
C GLN A 46 21.70 0.92 -0.35
N ILE A 47 21.13 0.06 -1.19
CA ILE A 47 21.31 -1.37 -1.05
C ILE A 47 22.51 -1.86 -1.86
N GLN A 48 22.77 -1.24 -3.01
CA GLN A 48 23.82 -1.67 -3.93
C GLN A 48 23.71 -3.13 -4.35
N PRO A 49 22.58 -3.55 -4.91
CA PRO A 49 22.41 -4.97 -5.24
C PRO A 49 23.19 -5.36 -6.48
N ALA A 50 23.31 -6.67 -6.69
CA ALA A 50 23.88 -7.21 -7.92
C ALA A 50 22.80 -7.54 -8.96
N TYR A 51 21.54 -7.63 -8.54
CA TYR A 51 20.41 -7.92 -9.43
C TYR A 51 19.25 -6.99 -9.09
N MET A 52 18.36 -6.81 -10.07
CA MET A 52 17.18 -5.97 -9.88
C MET A 52 16.05 -6.44 -10.79
N GLY A 53 14.83 -6.37 -10.29
CA GLY A 53 13.65 -6.58 -11.11
C GLY A 53 12.71 -5.39 -11.00
N LEU A 54 11.98 -5.12 -12.08
CA LEU A 54 11.08 -3.96 -12.14
C LEU A 54 9.73 -4.40 -12.70
N VAL A 55 8.65 -4.06 -11.99
CA VAL A 55 7.28 -4.18 -12.49
C VAL A 55 6.73 -2.77 -12.68
N ALA A 56 6.16 -2.51 -13.84
CA ALA A 56 5.64 -1.18 -14.12
C ALA A 56 4.29 -1.30 -14.82
N THR A 57 3.69 -0.14 -15.10
CA THR A 57 2.50 -0.05 -15.93
C THR A 57 2.86 0.70 -17.21
N GLN A 58 1.88 0.77 -18.10
CA GLN A 58 2.05 1.58 -19.31
C GLN A 58 2.37 3.03 -18.96
N ALA A 59 1.71 3.56 -17.92
CA ALA A 59 1.92 4.96 -17.53
C ALA A 59 3.30 5.17 -16.88
N SER A 60 3.80 4.23 -16.07
CA SER A 60 5.09 4.41 -15.44
C SER A 60 6.24 3.71 -16.18
N LEU A 61 6.00 3.21 -17.39
CA LEU A 61 7.03 2.43 -18.09
C LEU A 61 8.30 3.24 -18.31
N ALA A 62 8.15 4.50 -18.76
CA ALA A 62 9.34 5.32 -19.03
C ALA A 62 10.20 5.50 -17.79
N ALA A 63 9.59 5.71 -16.63
CA ALA A 63 10.37 5.86 -15.40
C ALA A 63 11.08 4.56 -15.02
N ALA A 64 10.42 3.41 -15.23
CA ALA A 64 11.05 2.13 -14.93
C ALA A 64 12.21 1.87 -15.87
N GLU A 65 12.06 2.22 -17.13
CA GLU A 65 13.16 2.05 -18.09
C GLU A 65 14.35 2.94 -17.74
N ALA A 66 14.10 4.08 -17.08
CA ALA A 66 15.19 4.95 -16.67
C ALA A 66 15.91 4.41 -15.44
N VAL A 67 15.18 3.83 -14.49
CA VAL A 67 15.82 3.12 -13.38
C VAL A 67 16.65 1.97 -13.92
N ALA A 68 16.11 1.23 -14.89
CA ALA A 68 16.81 0.08 -15.45
C ALA A 68 18.11 0.51 -16.13
N ALA A 69 18.07 1.63 -16.88
CA ALA A 69 19.25 2.09 -17.60
C ALA A 69 20.36 2.49 -16.63
N VAL A 70 19.99 3.21 -15.57
CA VAL A 70 20.92 3.56 -14.50
C VAL A 70 21.55 2.32 -13.91
N ALA A 71 20.73 1.32 -13.58
CA ALA A 71 21.24 0.15 -12.87
C ALA A 71 22.16 -0.67 -13.77
N ARG A 72 21.81 -0.84 -15.04
CA ARG A 72 22.65 -1.62 -15.94
C ARG A 72 24.01 -0.96 -16.14
N ARG A 73 24.03 0.38 -16.21
CA ARG A 73 25.28 1.11 -16.40
C ARG A 73 26.25 0.84 -15.25
N ARG A 74 25.74 0.70 -14.03
CA ARG A 74 26.57 0.34 -12.87
C ARG A 74 26.80 -1.14 -12.74
N GLY A 75 26.38 -1.94 -13.73
CA GLY A 75 26.70 -3.35 -13.76
C GLY A 75 25.73 -4.27 -13.07
N ILE A 76 24.59 -3.76 -12.59
CA ILE A 76 23.56 -4.61 -12.03
C ILE A 76 22.88 -5.38 -13.15
N GLU A 77 22.60 -6.66 -12.92
CA GLU A 77 21.79 -7.46 -13.83
C GLU A 77 20.32 -7.16 -13.59
N VAL A 78 19.66 -6.57 -14.59
CA VAL A 78 18.31 -6.04 -14.45
C VAL A 78 17.37 -6.88 -15.30
N HIS A 79 16.32 -7.40 -14.68
CA HIS A 79 15.27 -8.12 -15.36
C HIS A 79 14.02 -7.26 -15.38
N GLY A 80 13.45 -7.06 -16.56
CA GLY A 80 12.32 -6.19 -16.71
C GLY A 80 12.75 -4.79 -17.13
N PRO A 81 11.83 -3.82 -17.07
CA PRO A 81 10.47 -3.91 -16.52
C PRO A 81 9.48 -4.80 -17.29
N LEU A 82 8.67 -5.53 -16.53
CA LEU A 82 7.45 -6.15 -17.02
C LEU A 82 6.28 -5.21 -16.74
N GLN A 83 5.27 -5.25 -17.59
CA GLN A 83 4.11 -4.39 -17.41
C GLN A 83 2.94 -5.16 -16.83
N VAL A 84 2.17 -4.49 -15.97
CA VAL A 84 0.86 -4.99 -15.58
C VAL A 84 -0.18 -4.29 -16.45
N ALA A 85 -1.13 -5.06 -16.98
CA ALA A 85 -2.20 -4.46 -17.77
C ALA A 85 -3.09 -3.53 -16.94
N ASP A 86 -3.31 -3.85 -15.67
CA ASP A 86 -4.21 -3.06 -14.83
C ASP A 86 -3.59 -2.80 -13.46
N PRO A 87 -3.20 -1.56 -13.17
CA PRO A 87 -2.57 -1.28 -11.87
C PRO A 87 -3.53 -1.35 -10.70
N ASN A 88 -4.84 -1.49 -10.93
CA ASN A 88 -5.79 -1.58 -9.83
C ASN A 88 -6.02 -3.02 -9.40
N ASP A 89 -5.38 -3.98 -10.06
CA ASP A 89 -5.61 -5.40 -9.83
C ASP A 89 -4.41 -5.99 -9.08
N PRO A 90 -4.53 -6.28 -7.77
CA PRO A 90 -3.39 -6.86 -7.06
C PRO A 90 -2.99 -8.22 -7.60
N ALA A 91 -3.92 -8.97 -8.18
CA ALA A 91 -3.56 -10.27 -8.73
C ALA A 91 -2.61 -10.12 -9.91
N ALA A 92 -2.78 -9.07 -10.71
CA ALA A 92 -1.94 -8.85 -11.87
C ALA A 92 -0.51 -8.51 -11.46
N SER A 93 -0.35 -7.73 -10.39
CA SER A 93 0.97 -7.39 -9.87
C SER A 93 1.59 -8.59 -9.15
N ARG A 94 0.78 -9.38 -8.44
CA ARG A 94 1.32 -10.58 -7.80
C ARG A 94 1.92 -11.52 -8.82
N SER A 95 1.21 -11.74 -9.94
CA SER A 95 1.69 -12.61 -11.02
C SER A 95 3.03 -12.14 -11.57
N GLN A 96 3.14 -10.84 -11.85
CA GLN A 96 4.37 -10.32 -12.47
C GLN A 96 5.52 -10.22 -11.48
N VAL A 97 5.23 -9.91 -10.22
CA VAL A 97 6.30 -9.92 -9.20
C VAL A 97 6.78 -11.35 -8.97
N ALA A 98 5.86 -12.31 -8.95
CA ALA A 98 6.24 -13.70 -8.71
C ALA A 98 7.10 -14.23 -9.86
N LEU A 99 6.79 -13.81 -11.11
CA LEU A 99 7.62 -14.18 -12.25
C LEU A 99 9.02 -13.55 -12.16
N LEU A 100 9.11 -12.30 -11.71
CA LEU A 100 10.43 -11.67 -11.55
C LEU A 100 11.22 -12.31 -10.43
N LEU A 101 10.56 -12.65 -9.32
CA LEU A 101 11.27 -13.32 -8.24
C LEU A 101 11.85 -14.64 -8.72
N SER A 102 11.11 -15.35 -9.57
CA SER A 102 11.57 -16.64 -10.04
C SER A 102 12.67 -16.47 -11.07
N GLU A 103 12.59 -15.43 -11.89
CA GLU A 103 13.63 -15.18 -12.88
C GLU A 103 14.95 -14.80 -12.20
N LEU A 104 14.89 -13.91 -11.21
CA LEU A 104 16.10 -13.58 -10.45
C LEU A 104 16.72 -14.82 -9.82
N ARG A 105 15.89 -15.72 -9.29
CA ARG A 105 16.46 -16.92 -8.66
C ARG A 105 17.10 -17.85 -9.70
N ARG A 106 16.44 -18.06 -10.85
CA ARG A 106 17.05 -18.87 -11.90
C ARG A 106 18.32 -18.23 -12.45
N ALA A 107 18.52 -16.93 -12.23
CA ALA A 107 19.74 -16.26 -12.65
C ALA A 107 20.80 -16.25 -11.56
N GLY A 108 20.52 -16.80 -10.38
CA GLY A 108 21.54 -17.02 -9.38
C GLY A 108 21.49 -16.11 -8.18
N CYS A 109 20.45 -15.31 -8.04
CA CYS A 109 20.38 -14.33 -6.97
C CYS A 109 19.92 -15.01 -5.68
N ARG A 110 20.77 -14.97 -4.63
CA ARG A 110 20.55 -15.78 -3.43
C ARG A 110 19.70 -15.12 -2.35
N GLU A 111 19.52 -13.79 -2.37
CA GLU A 111 18.71 -13.18 -1.33
C GLU A 111 18.05 -11.91 -1.85
N ILE A 112 16.73 -11.93 -1.90
CA ILE A 112 15.94 -10.91 -2.57
C ILE A 112 15.02 -10.24 -1.56
N ALA A 113 14.77 -8.96 -1.79
CA ALA A 113 13.75 -8.20 -1.10
C ALA A 113 12.93 -7.45 -2.14
N VAL A 114 11.65 -7.26 -1.85
CA VAL A 114 10.76 -6.50 -2.72
C VAL A 114 10.51 -5.15 -2.05
N ASP A 115 10.92 -4.08 -2.74
CA ASP A 115 10.57 -2.71 -2.31
C ASP A 115 9.20 -2.39 -2.90
N LEU A 116 8.20 -2.29 -2.02
CA LEU A 116 6.84 -2.09 -2.50
C LEU A 116 6.37 -0.65 -2.36
N THR A 117 7.30 0.30 -2.16
CA THR A 117 6.91 1.70 -1.99
C THR A 117 6.16 2.22 -3.21
N GLY A 118 6.72 2.01 -4.41
CA GLY A 118 6.16 2.60 -5.62
C GLY A 118 4.92 1.90 -6.15
N GLY A 119 4.33 2.51 -7.18
CA GLY A 119 3.11 1.99 -7.78
C GLY A 119 1.87 2.35 -6.98
N LYS A 120 0.71 2.05 -7.57
CA LYS A 120 -0.56 2.17 -6.89
C LYS A 120 -0.63 1.16 -5.74
N LEU A 121 -1.51 1.43 -4.79
CA LEU A 121 -1.67 0.54 -3.64
C LEU A 121 -1.93 -0.92 -4.02
N PRO A 122 -2.81 -1.26 -4.98
CA PRO A 122 -2.97 -2.68 -5.34
C PRO A 122 -1.72 -3.30 -5.92
N MET A 123 -0.86 -2.52 -6.59
CA MET A 123 0.44 -3.04 -7.02
C MET A 123 1.29 -3.42 -5.82
N SER A 124 1.35 -2.54 -4.81
CA SER A 124 2.13 -2.84 -3.61
C SER A 124 1.57 -4.06 -2.90
N LEU A 125 0.25 -4.20 -2.91
CA LEU A 125 -0.36 -5.33 -2.22
C LEU A 125 -0.12 -6.63 -2.96
N GLY A 126 -0.21 -6.62 -4.29
CA GLY A 126 0.17 -7.79 -5.06
C GLY A 126 1.62 -8.18 -4.81
N ALA A 127 2.52 -7.18 -4.86
CA ALA A 127 3.93 -7.41 -4.60
C ALA A 127 4.15 -8.02 -3.22
N PHE A 128 3.44 -7.51 -2.21
CA PHE A 128 3.59 -8.04 -0.86
C PHE A 128 3.19 -9.51 -0.80
N MET A 129 2.07 -9.86 -1.44
CA MET A 129 1.62 -11.25 -1.42
C MET A 129 2.61 -12.17 -2.12
N ALA A 130 3.11 -11.73 -3.28
CA ALA A 130 4.10 -12.52 -4.00
C ALA A 130 5.36 -12.70 -3.16
N ALA A 131 5.80 -11.63 -2.49
CA ALA A 131 6.97 -11.72 -1.63
C ALA A 131 6.73 -12.71 -0.51
N GLU A 132 5.60 -12.58 0.19
CA GLU A 132 5.31 -13.43 1.34
C GLU A 132 5.22 -14.90 0.94
N GLU A 133 4.56 -15.17 -0.19
CA GLU A 133 4.46 -16.56 -0.65
C GLU A 133 5.81 -17.11 -1.08
N ALA A 134 6.74 -16.24 -1.50
CA ALA A 134 8.04 -16.71 -1.94
C ALA A 134 9.06 -16.77 -0.81
N GLY A 135 8.67 -16.39 0.40
CA GLY A 135 9.63 -16.26 1.49
C GLY A 135 10.67 -15.18 1.31
N VAL A 136 10.30 -14.02 0.76
CA VAL A 136 11.25 -12.92 0.61
C VAL A 136 10.72 -11.69 1.33
N ALA A 137 11.64 -10.92 1.88
CA ALA A 137 11.29 -9.75 2.68
C ALA A 137 10.70 -8.63 1.82
N SER A 138 9.96 -7.74 2.48
CA SER A 138 9.39 -6.55 1.86
C SER A 138 9.97 -5.30 2.50
N LEU A 139 10.34 -4.32 1.68
CA LEU A 139 10.90 -3.08 2.16
C LEU A 139 9.96 -1.91 1.90
N TYR A 140 10.16 -0.82 2.66
CA TYR A 140 9.32 0.38 2.56
C TYR A 140 10.18 1.61 2.86
N VAL A 141 10.10 2.61 2.00
CA VAL A 141 10.74 3.91 2.26
C VAL A 141 9.73 4.78 2.98
N ALA A 142 10.04 5.12 4.23
CA ALA A 142 9.17 5.91 5.06
C ALA A 142 9.71 7.32 5.16
N THR A 143 8.81 8.31 5.10
CA THR A 143 9.16 9.72 5.22
C THR A 143 8.14 10.41 6.12
N ASP A 144 8.58 11.52 6.72
CA ASP A 144 7.62 12.45 7.30
C ASP A 144 7.06 13.34 6.20
N PHE A 145 5.89 13.93 6.46
CA PHE A 145 5.11 14.65 5.47
C PHE A 145 4.89 16.09 5.92
N ASP A 146 4.41 16.90 4.98
CA ASP A 146 3.93 18.23 5.31
C ASP A 146 2.72 18.14 6.24
N LYS A 147 2.32 19.30 6.78
CA LYS A 147 1.20 19.39 7.70
C LYS A 147 -0.05 18.70 7.16
N HIS A 148 -0.41 18.97 5.91
CA HIS A 148 -1.64 18.43 5.33
C HIS A 148 -1.45 17.05 4.69
N LEU A 149 -0.32 16.38 4.93
CA LEU A 149 -0.12 14.98 4.54
C LEU A 149 -0.24 14.76 3.03
N LYS A 150 0.14 15.73 2.21
CA LYS A 150 0.09 15.48 0.77
C LYS A 150 1.45 15.28 0.12
N VAL A 151 2.55 15.63 0.79
CA VAL A 151 3.85 15.62 0.12
C VAL A 151 4.90 15.02 1.04
N PRO A 152 5.60 13.96 0.62
CA PRO A 152 6.67 13.40 1.44
C PRO A 152 7.89 14.31 1.45
N ASP A 153 8.62 14.31 2.56
CA ASP A 153 9.86 15.06 2.68
C ASP A 153 11.03 14.10 2.39
N MET A 154 11.59 14.20 1.18
CA MET A 154 12.67 13.32 0.75
C MET A 154 13.81 13.30 1.75
N ARG A 155 14.06 14.44 2.40
CA ARG A 155 15.19 14.54 3.30
C ARG A 155 15.01 13.74 4.59
N THR A 156 13.79 13.26 4.88
CA THR A 156 13.57 12.41 6.04
C THR A 156 13.48 10.92 5.67
N ALA A 157 13.81 10.56 4.44
CA ALA A 157 13.59 9.18 4.00
C ALA A 157 14.41 8.19 4.81
N THR A 158 13.78 7.09 5.21
CA THR A 158 14.46 5.95 5.82
C THR A 158 13.94 4.67 5.20
N LEU A 159 14.83 3.76 4.84
CA LEU A 159 14.45 2.46 4.30
C LEU A 159 14.22 1.48 5.43
N ARG A 160 13.06 0.82 5.42
CA ARG A 160 12.65 -0.06 6.50
C ARG A 160 12.22 -1.41 5.96
N GLN A 161 12.47 -2.44 6.76
CA GLN A 161 11.95 -3.78 6.51
C GLN A 161 10.60 -3.90 7.18
N ILE A 162 9.57 -4.27 6.43
CA ILE A 162 8.27 -4.47 7.06
C ILE A 162 7.88 -5.93 7.15
N SER A 163 8.69 -6.84 6.60
CA SER A 163 8.48 -8.27 6.79
C SER A 163 9.81 -8.99 6.57
N GLN A 164 10.01 -10.09 7.29
CA GLN A 164 11.23 -10.90 7.17
C GLN A 164 10.80 -12.37 7.22
N PRO A 165 10.16 -12.87 6.16
CA PRO A 165 9.59 -14.21 6.19
C PRO A 165 10.53 -15.28 5.70
N GLU A 166 11.83 -14.99 5.71
CA GLU A 166 12.82 -15.90 5.12
C GLU A 166 13.00 -17.15 5.98
N PHE B 14 -7.74 -15.45 4.62
CA PHE B 14 -8.80 -16.35 4.17
C PHE B 14 -9.68 -15.79 3.03
N PRO B 15 -10.13 -14.53 3.08
CA PRO B 15 -10.69 -13.93 1.86
C PRO B 15 -9.64 -13.97 0.76
N ARG B 16 -10.08 -14.18 -0.47
CA ARG B 16 -9.14 -14.37 -1.57
C ARG B 16 -8.97 -13.07 -2.33
N VAL B 17 -7.72 -12.77 -2.70
CA VAL B 17 -7.35 -11.50 -3.33
C VAL B 17 -7.42 -11.68 -4.84
N GLY B 18 -8.27 -10.89 -5.49
CA GLY B 18 -8.66 -11.18 -6.85
C GLY B 18 -8.43 -10.07 -7.84
N GLY B 19 -9.44 -9.84 -8.70
CA GLY B 19 -9.28 -8.98 -9.86
C GLY B 19 -9.76 -7.54 -9.77
N VAL B 20 -10.67 -7.15 -10.66
CA VAL B 20 -10.95 -5.74 -10.94
C VAL B 20 -12.31 -5.31 -10.43
N SER B 21 -13.19 -6.24 -10.09
CA SER B 21 -14.60 -5.94 -9.87
C SER B 21 -14.79 -4.77 -8.90
N GLU B 22 -15.74 -3.91 -9.22
CA GLU B 22 -16.17 -2.85 -8.31
C GLU B 22 -16.92 -3.49 -7.15
N SER B 23 -16.75 -2.91 -5.96
CA SER B 23 -17.54 -3.38 -4.83
C SER B 23 -18.94 -2.79 -4.95
N THR B 24 -19.96 -3.66 -4.97
CA THR B 24 -21.32 -3.20 -5.19
C THR B 24 -22.23 -3.51 -4.02
N VAL B 25 -21.68 -3.80 -2.84
CA VAL B 25 -22.47 -4.09 -1.65
C VAL B 25 -22.59 -2.84 -0.80
N GLN B 26 -23.80 -2.55 -0.32
CA GLN B 26 -24.01 -1.49 0.68
C GLN B 26 -23.63 -2.04 2.05
N TRP B 27 -22.31 -2.17 2.25
CA TRP B 27 -21.78 -2.67 3.51
C TRP B 27 -22.46 -2.02 4.70
N GLU B 28 -22.93 -2.85 5.63
CA GLU B 28 -23.55 -2.30 6.84
C GLU B 28 -22.55 -1.57 7.73
N GLY B 29 -21.29 -2.00 7.73
CA GLY B 29 -20.24 -1.29 8.45
C GLY B 29 -18.99 -1.18 7.60
N VAL B 30 -18.26 -0.08 7.76
CA VAL B 30 -17.01 0.11 7.03
C VAL B 30 -15.97 0.67 8.01
N VAL B 31 -14.79 0.07 8.02
CA VAL B 31 -13.65 0.55 8.82
C VAL B 31 -12.64 1.21 7.87
N PHE B 32 -12.22 2.44 8.18
CA PHE B 32 -11.28 3.19 7.36
C PHE B 32 -9.96 3.37 8.07
N THR B 33 -8.86 3.29 7.33
CA THR B 33 -7.62 3.96 7.71
C THR B 33 -7.66 5.35 7.11
N VAL B 34 -7.26 6.35 7.88
CA VAL B 34 -7.60 7.74 7.56
C VAL B 34 -6.32 8.52 7.32
N SER B 35 -6.28 9.24 6.18
CA SER B 35 -5.24 10.22 5.94
C SER B 35 -5.85 11.58 5.61
N ASN B 36 -6.89 11.58 4.77
CA ASN B 36 -7.58 12.80 4.34
C ASN B 36 -9.07 12.61 4.57
N GLU B 37 -9.79 13.72 4.59
CA GLU B 37 -11.23 13.63 4.83
C GLU B 37 -12.04 13.45 3.55
N SER B 38 -11.47 13.78 2.39
CA SER B 38 -12.25 13.78 1.14
C SER B 38 -12.66 12.38 0.73
N VAL B 39 -11.74 11.43 0.75
CA VAL B 39 -12.03 10.11 0.20
C VAL B 39 -13.00 9.35 1.10
N PRO B 40 -12.81 9.30 2.43
CA PRO B 40 -13.80 8.59 3.25
C PRO B 40 -15.20 9.18 3.11
N ARG B 41 -15.29 10.50 2.99
CA ARG B 41 -16.59 11.13 2.82
C ARG B 41 -17.23 10.69 1.51
N TRP B 42 -16.44 10.57 0.46
CA TRP B 42 -16.99 10.07 -0.79
C TRP B 42 -17.44 8.62 -0.64
N VAL B 43 -16.62 7.78 0.02
CA VAL B 43 -17.00 6.39 0.22
C VAL B 43 -18.28 6.31 1.01
N MET B 44 -18.34 7.03 2.14
CA MET B 44 -19.50 6.98 3.00
C MET B 44 -20.75 7.40 2.26
N ALA B 45 -20.62 8.34 1.31
CA ALA B 45 -21.76 8.80 0.53
C ALA B 45 -22.25 7.74 -0.45
N GLN B 46 -21.37 6.87 -0.94
CA GLN B 46 -21.82 5.82 -1.85
C GLN B 46 -22.34 4.62 -1.09
N ILE B 47 -21.62 4.17 -0.05
CA ILE B 47 -21.96 2.94 0.65
C ILE B 47 -23.10 3.16 1.63
N GLN B 48 -23.20 4.36 2.20
CA GLN B 48 -24.19 4.69 3.21
C GLN B 48 -24.29 3.61 4.30
N PRO B 49 -23.20 3.32 5.01
CA PRO B 49 -23.26 2.28 6.03
C PRO B 49 -24.06 2.76 7.23
N ALA B 50 -24.46 1.81 8.06
CA ALA B 50 -25.05 2.14 9.35
C ALA B 50 -24.00 2.32 10.44
N TYR B 51 -22.82 1.72 10.26
CA TYR B 51 -21.73 1.75 11.23
C TYR B 51 -20.43 2.13 10.53
N MET B 52 -19.56 2.81 11.26
CA MET B 52 -18.28 3.22 10.70
C MET B 52 -17.24 3.16 11.80
N GLY B 53 -16.05 2.65 11.46
CA GLY B 53 -14.91 2.71 12.33
C GLY B 53 -13.81 3.49 11.64
N LEU B 54 -12.98 4.17 12.42
CA LEU B 54 -11.94 5.04 11.90
C LEU B 54 -10.65 4.77 12.65
N VAL B 55 -9.55 4.62 11.90
CA VAL B 55 -8.21 4.47 12.46
C VAL B 55 -7.34 5.59 11.90
N ALA B 56 -6.74 6.38 12.79
CA ALA B 56 -5.93 7.51 12.34
C ALA B 56 -4.60 7.61 13.08
N THR B 57 -3.86 8.68 12.84
CA THR B 57 -2.64 9.00 13.56
C THR B 57 -2.78 10.39 14.19
N GLN B 58 -1.81 10.76 15.04
CA GLN B 58 -1.81 12.13 15.55
C GLN B 58 -1.84 13.12 14.38
N ALA B 59 -1.18 12.79 13.27
CA ALA B 59 -1.15 13.72 12.15
C ALA B 59 -2.47 13.76 11.40
N SER B 60 -3.19 12.64 11.29
CA SER B 60 -4.42 12.61 10.52
C SER B 60 -5.68 12.72 11.39
N LEU B 61 -5.52 13.04 12.67
CA LEU B 61 -6.64 13.03 13.61
C LEU B 61 -7.71 14.06 13.23
N ALA B 62 -7.28 15.28 12.89
CA ALA B 62 -8.25 16.31 12.50
C ALA B 62 -9.10 15.88 11.32
N ALA B 63 -8.49 15.24 10.31
CA ALA B 63 -9.28 14.71 9.19
C ALA B 63 -10.25 13.62 9.65
N ALA B 64 -9.76 12.69 10.47
CA ALA B 64 -10.62 11.60 10.92
C ALA B 64 -11.79 12.13 11.73
N GLU B 65 -11.54 13.15 12.56
CA GLU B 65 -12.62 13.73 13.35
C GLU B 65 -13.58 14.51 12.46
N ALA B 66 -13.10 15.04 11.34
CA ALA B 66 -14.00 15.69 10.39
C ALA B 66 -14.91 14.66 9.72
N VAL B 67 -14.36 13.53 9.29
CA VAL B 67 -15.18 12.45 8.75
C VAL B 67 -16.23 12.03 9.76
N ALA B 68 -15.80 11.80 11.00
CA ALA B 68 -16.70 11.33 12.06
C ALA B 68 -17.85 12.29 12.29
N ALA B 69 -17.57 13.60 12.31
CA ALA B 69 -18.64 14.58 12.54
C ALA B 69 -19.71 14.52 11.46
N VAL B 70 -19.28 14.42 10.20
CA VAL B 70 -20.22 14.32 9.09
C VAL B 70 -21.02 13.02 9.17
N ALA B 71 -20.32 11.91 9.41
CA ALA B 71 -21.01 10.62 9.51
C ALA B 71 -22.05 10.64 10.62
N ARG B 72 -21.68 11.17 11.79
CA ARG B 72 -22.61 11.18 12.93
C ARG B 72 -23.85 12.00 12.62
N ARG B 73 -23.69 13.11 11.92
CA ARG B 73 -24.83 13.93 11.55
C ARG B 73 -25.70 13.26 10.49
N ARG B 74 -25.22 12.23 9.82
CA ARG B 74 -26.06 11.45 8.93
C ARG B 74 -26.79 10.32 9.67
N GLY B 75 -26.51 10.13 10.95
CA GLY B 75 -27.09 9.03 11.71
C GLY B 75 -26.27 7.76 11.78
N ILE B 76 -25.06 7.77 11.26
CA ILE B 76 -24.18 6.61 11.29
C ILE B 76 -23.58 6.50 12.68
N GLU B 77 -23.48 5.27 13.20
CA GLU B 77 -22.83 5.01 14.49
C GLU B 77 -21.32 4.90 14.28
N VAL B 78 -20.55 5.84 14.81
CA VAL B 78 -19.12 5.92 14.52
C VAL B 78 -18.33 5.42 15.71
N HIS B 79 -17.40 4.51 15.47
CA HIS B 79 -16.47 4.04 16.48
C HIS B 79 -15.06 4.52 16.13
N GLY B 80 -14.39 5.12 17.10
CA GLY B 80 -13.15 5.81 16.81
C GLY B 80 -13.39 7.26 16.44
N PRO B 81 -12.35 7.95 15.94
CA PRO B 81 -11.00 7.45 15.62
C PRO B 81 -10.22 6.89 16.79
N LEU B 82 -9.58 5.75 16.52
CA LEU B 82 -8.50 5.22 17.32
C LEU B 82 -7.18 5.59 16.64
N GLN B 83 -6.18 5.88 17.45
CA GLN B 83 -4.91 6.37 16.92
C GLN B 83 -3.88 5.26 16.91
N VAL B 84 -3.11 5.22 15.83
CA VAL B 84 -1.93 4.37 15.71
C VAL B 84 -0.74 5.16 16.21
N ALA B 85 0.05 4.54 17.09
CA ALA B 85 1.26 5.20 17.57
C ALA B 85 2.29 5.35 16.46
N ASP B 86 2.53 4.28 15.71
CA ASP B 86 3.56 4.26 14.67
C ASP B 86 2.94 3.93 13.32
N PRO B 87 2.70 4.92 12.45
CA PRO B 87 2.09 4.63 11.15
C PRO B 87 3.01 3.89 10.19
N ASN B 88 4.30 3.75 10.48
CA ASN B 88 5.21 3.02 9.62
C ASN B 88 5.26 1.53 9.92
N ASP B 89 4.47 1.08 10.90
CA ASP B 89 4.51 -0.29 11.41
C ASP B 89 3.17 -0.97 11.14
N PRO B 90 3.10 -1.96 10.25
CA PRO B 90 1.78 -2.59 9.96
C PRO B 90 1.10 -3.19 11.18
N ALA B 91 1.85 -3.66 12.18
CA ALA B 91 1.22 -4.38 13.30
C ALA B 91 0.38 -3.45 14.16
N ALA B 92 0.81 -2.20 14.33
CA ALA B 92 0.02 -1.27 15.14
C ALA B 92 -1.33 -0.98 14.47
N SER B 93 -1.36 -0.94 13.13
CA SER B 93 -2.61 -0.69 12.41
C SER B 93 -3.48 -1.95 12.35
N ARG B 94 -2.86 -3.11 12.16
CA ARG B 94 -3.60 -4.36 12.27
C ARG B 94 -4.35 -4.41 13.59
N SER B 95 -3.66 -4.10 14.69
CA SER B 95 -4.28 -4.25 16.01
C SER B 95 -5.49 -3.35 16.17
N GLN B 96 -5.41 -2.10 15.71
CA GLN B 96 -6.52 -1.18 15.94
C GLN B 96 -7.68 -1.47 15.00
N VAL B 97 -7.39 -1.83 13.74
CA VAL B 97 -8.44 -2.26 12.82
C VAL B 97 -9.15 -3.50 13.35
N ALA B 98 -8.37 -4.46 13.88
CA ALA B 98 -8.98 -5.66 14.44
C ALA B 98 -9.88 -5.33 15.63
N LEU B 99 -9.45 -4.37 16.45
CA LEU B 99 -10.29 -3.94 17.57
C LEU B 99 -11.60 -3.34 17.06
N LEU B 100 -11.55 -2.52 16.01
CA LEU B 100 -12.76 -1.90 15.51
C LEU B 100 -13.67 -2.91 14.83
N LEU B 101 -13.10 -3.89 14.14
CA LEU B 101 -13.95 -4.94 13.57
C LEU B 101 -14.72 -5.67 14.68
N SER B 102 -14.02 -6.00 15.76
CA SER B 102 -14.69 -6.61 16.91
C SER B 102 -15.74 -5.66 17.50
N GLU B 103 -15.39 -4.38 17.63
CA GLU B 103 -16.30 -3.41 18.20
C GLU B 103 -17.60 -3.30 17.40
N LEU B 104 -17.48 -3.18 16.07
CA LEU B 104 -18.67 -3.06 15.22
C LEU B 104 -19.53 -4.31 15.30
N ARG B 105 -18.91 -5.49 15.21
CA ARG B 105 -19.69 -6.72 15.31
C ARG B 105 -20.46 -6.78 16.62
N ARG B 106 -19.80 -6.47 17.74
CA ARG B 106 -20.43 -6.46 19.06
C ARG B 106 -21.50 -5.39 19.20
N ALA B 107 -21.49 -4.36 18.37
CA ALA B 107 -22.52 -3.32 18.39
C ALA B 107 -23.67 -3.63 17.42
N GLY B 108 -23.73 -4.83 16.86
CA GLY B 108 -24.83 -5.24 16.03
C GLY B 108 -24.57 -5.24 14.53
N CYS B 109 -23.36 -4.93 14.08
CA CYS B 109 -23.12 -4.84 12.65
C CYS B 109 -22.83 -6.22 12.09
N ARG B 110 -23.55 -6.60 11.04
CA ARG B 110 -23.47 -7.96 10.51
C ARG B 110 -22.50 -8.11 9.33
N GLU B 111 -22.45 -7.14 8.42
CA GLU B 111 -21.57 -7.21 7.25
C GLU B 111 -20.62 -6.03 7.25
N ILE B 112 -19.32 -6.31 7.23
CA ILE B 112 -18.31 -5.27 7.38
C ILE B 112 -17.29 -5.37 6.24
N ALA B 113 -16.83 -4.21 5.79
CA ALA B 113 -15.67 -4.11 4.91
C ALA B 113 -14.66 -3.14 5.52
N VAL B 114 -13.41 -3.29 5.11
CA VAL B 114 -12.33 -2.37 5.46
C VAL B 114 -11.91 -1.63 4.20
N ASP B 115 -11.99 -0.30 4.23
CA ASP B 115 -11.48 0.54 3.14
C ASP B 115 -10.06 0.95 3.50
N LEU B 116 -9.09 0.39 2.80
CA LEU B 116 -7.71 0.64 3.17
C LEU B 116 -7.05 1.69 2.29
N THR B 117 -7.84 2.48 1.56
CA THR B 117 -7.27 3.48 0.67
C THR B 117 -6.39 4.47 1.41
N GLY B 118 -6.85 4.94 2.59
CA GLY B 118 -6.16 6.01 3.29
C GLY B 118 -5.03 5.53 4.17
N GLY B 119 -4.26 6.48 4.70
CA GLY B 119 -3.12 6.17 5.53
C GLY B 119 -1.87 5.91 4.71
N LYS B 120 -0.75 5.80 5.42
CA LYS B 120 0.49 5.32 4.83
C LYS B 120 0.34 3.87 4.39
N LEU B 121 1.22 3.45 3.48
CA LEU B 121 1.20 2.07 3.00
C LEU B 121 1.19 1.03 4.12
N PRO B 122 2.04 1.13 5.15
CA PRO B 122 1.98 0.12 6.23
C PRO B 122 0.68 0.16 7.02
N MET B 123 -0.02 1.29 7.07
CA MET B 123 -1.32 1.31 7.72
C MET B 123 -2.33 0.52 6.90
N SER B 124 -2.32 0.72 5.58
CA SER B 124 -3.12 -0.10 4.67
C SER B 124 -2.79 -1.58 4.78
N LEU B 125 -1.49 -1.90 4.88
CA LEU B 125 -1.08 -3.30 4.88
C LEU B 125 -1.52 -3.99 6.17
N GLY B 126 -1.40 -3.31 7.31
CA GLY B 126 -1.90 -3.87 8.55
C GLY B 126 -3.41 -3.98 8.57
N ALA B 127 -4.09 -2.97 8.00
CA ALA B 127 -5.53 -3.05 7.80
C ALA B 127 -5.93 -4.29 7.00
N PHE B 128 -5.20 -4.54 5.91
CA PHE B 128 -5.47 -5.69 5.06
C PHE B 128 -5.31 -7.01 5.82
N MET B 129 -4.21 -7.15 6.57
CA MET B 129 -4.00 -8.34 7.37
C MET B 129 -5.12 -8.55 8.38
N ALA B 130 -5.55 -7.47 9.05
CA ALA B 130 -6.64 -7.58 10.01
C ALA B 130 -7.93 -8.01 9.32
N ALA B 131 -8.16 -7.49 8.10
CA ALA B 131 -9.34 -7.85 7.32
C ALA B 131 -9.29 -9.32 6.90
N GLU B 132 -8.11 -9.78 6.46
CA GLU B 132 -7.98 -11.19 6.09
C GLU B 132 -8.21 -12.09 7.29
N GLU B 133 -7.69 -11.70 8.45
CA GLU B 133 -7.82 -12.52 9.65
C GLU B 133 -9.27 -12.60 10.10
N ALA B 134 -10.01 -11.50 10.00
CA ALA B 134 -11.41 -11.48 10.41
C ALA B 134 -12.36 -12.07 9.38
N GLY B 135 -11.88 -12.40 8.19
CA GLY B 135 -12.78 -12.91 7.16
C GLY B 135 -13.65 -11.87 6.48
N VAL B 136 -13.21 -10.59 6.43
CA VAL B 136 -14.01 -9.52 5.83
C VAL B 136 -13.29 -8.96 4.60
N ALA B 137 -14.10 -8.41 3.69
CA ALA B 137 -13.62 -7.85 2.44
C ALA B 137 -12.82 -6.57 2.67
N SER B 138 -11.92 -6.30 1.72
CA SER B 138 -11.10 -5.10 1.64
C SER B 138 -11.49 -4.32 0.41
N LEU B 139 -11.56 -2.98 0.54
CA LEU B 139 -11.95 -2.09 -0.55
C LEU B 139 -10.85 -1.08 -0.85
N TYR B 140 -10.91 -0.52 -2.05
CA TYR B 140 -9.93 0.45 -2.50
C TYR B 140 -10.65 1.42 -3.44
N VAL B 141 -10.38 2.71 -3.29
CA VAL B 141 -10.89 3.71 -4.22
C VAL B 141 -9.83 3.89 -5.31
N ALA B 142 -10.15 3.48 -6.52
CA ALA B 142 -9.24 3.62 -7.65
C ALA B 142 -9.62 4.87 -8.46
N THR B 143 -8.62 5.70 -8.77
CA THR B 143 -8.81 6.87 -9.60
C THR B 143 -7.74 6.89 -10.68
N ASP B 144 -8.02 7.60 -11.76
CA ASP B 144 -7.01 7.94 -12.75
C ASP B 144 -6.27 9.20 -12.31
N PHE B 145 -5.02 9.31 -12.71
CA PHE B 145 -4.12 10.38 -12.32
C PHE B 145 -3.75 11.24 -13.54
N ASP B 146 -3.12 12.38 -13.27
CA ASP B 146 -2.59 13.19 -14.35
C ASP B 146 -1.38 12.50 -14.97
N LYS B 147 -0.80 13.12 -16.02
CA LYS B 147 0.24 12.44 -16.79
C LYS B 147 1.49 12.17 -15.97
N HIS B 148 1.76 12.95 -14.92
CA HIS B 148 2.94 12.72 -14.10
C HIS B 148 2.65 11.80 -12.92
N LEU B 149 1.44 11.26 -12.83
CA LEU B 149 1.06 10.29 -11.80
C LEU B 149 1.20 10.87 -10.39
N LYS B 150 0.91 12.15 -10.23
CA LYS B 150 1.07 12.74 -8.91
C LYS B 150 -0.19 13.34 -8.33
N VAL B 151 -1.19 13.63 -9.14
CA VAL B 151 -2.44 14.22 -8.68
C VAL B 151 -3.60 13.34 -9.12
N PRO B 152 -4.34 12.72 -8.20
CA PRO B 152 -5.48 11.90 -8.61
C PRO B 152 -6.69 12.76 -8.96
N ASP B 153 -7.45 12.30 -9.95
CA ASP B 153 -8.65 13.01 -10.39
C ASP B 153 -9.85 12.33 -9.74
N MET B 154 -10.38 12.98 -8.71
CA MET B 154 -11.46 12.37 -7.95
C MET B 154 -12.72 12.16 -8.79
N ARG B 155 -12.86 12.90 -9.89
CA ARG B 155 -14.00 12.71 -10.78
C ARG B 155 -14.06 11.31 -11.36
N THR B 156 -12.93 10.59 -11.38
CA THR B 156 -12.85 9.24 -11.92
C THR B 156 -12.94 8.17 -10.84
N ALA B 157 -13.27 8.53 -9.61
CA ALA B 157 -13.21 7.56 -8.52
C ALA B 157 -14.20 6.44 -8.73
N THR B 158 -13.74 5.21 -8.54
CA THR B 158 -14.58 4.03 -8.43
C THR B 158 -14.17 3.28 -7.19
N LEU B 159 -15.11 2.55 -6.62
CA LEU B 159 -14.87 1.75 -5.42
C LEU B 159 -14.61 0.31 -5.85
N ARG B 160 -13.38 -0.16 -5.64
CA ARG B 160 -13.00 -1.51 -6.03
C ARG B 160 -12.99 -2.42 -4.80
N GLN B 161 -13.39 -3.68 -5.02
CA GLN B 161 -13.28 -4.72 -4.01
C GLN B 161 -11.95 -5.43 -4.21
N ILE B 162 -11.07 -5.30 -3.22
CA ILE B 162 -9.73 -5.89 -3.31
C ILE B 162 -9.76 -7.40 -3.05
N SER B 163 -10.64 -7.86 -2.17
CA SER B 163 -10.67 -9.27 -1.78
C SER B 163 -12.11 -9.75 -1.67
N GLN B 164 -12.27 -11.08 -1.72
CA GLN B 164 -13.58 -11.71 -1.72
C GLN B 164 -13.71 -12.64 -0.53
N PRO B 165 -14.47 -12.26 0.50
CA PRO B 165 -14.62 -13.15 1.67
C PRO B 165 -15.35 -14.43 1.31
N GLU B 166 -14.94 -15.52 1.96
CA GLU B 166 -15.50 -16.84 1.70
C GLU B 166 -16.23 -17.37 2.93
#